data_3DEX
#
_entry.id   3DEX
#
_cell.length_a   48.126
_cell.length_b   158.318
_cell.length_c   48.088
_cell.angle_alpha   90.00
_cell.angle_beta   90.62
_cell.angle_gamma   90.00
#
_symmetry.space_group_name_H-M   'P 1 21 1'
#
_entity_poly.entity_id   1
_entity_poly.type   'polypeptide(L)'
_entity_poly.pdbx_seq_one_letter_code
;MVGAPRMTTPHTHRVQIEYCTQCRWLPRAAWLAQELLTTFETELTELALKPGTGGVFVVRVDDEVVWDRREQGFPEPTAV
KRLVRDRVAPEKSLGHSERLEHHHHHH
;
_entity_poly.pdbx_strand_id   A,B,C,D,E,F,G,H
#
# COMPACT_ATOMS: atom_id res chain seq x y z
N HIS A 11 -3.66 39.44 -0.55
CA HIS A 11 -2.17 39.58 -0.38
C HIS A 11 -1.67 41.01 -0.63
N THR A 12 -1.33 41.71 0.45
CA THR A 12 -0.87 43.10 0.34
C THR A 12 0.37 43.45 1.17
N HIS A 13 0.70 42.62 2.16
CA HIS A 13 1.86 42.87 3.01
C HIS A 13 3.00 41.93 2.69
N ARG A 14 4.21 42.40 2.94
CA ARG A 14 5.39 41.60 2.67
C ARG A 14 6.18 41.41 3.97
N VAL A 15 6.73 40.21 4.15
CA VAL A 15 7.53 39.87 5.34
C VAL A 15 8.91 39.42 4.89
N GLN A 16 9.92 39.75 5.66
CA GLN A 16 11.27 39.37 5.32
C GLN A 16 11.97 38.85 6.56
N ILE A 17 12.78 37.81 6.40
CA ILE A 17 13.54 37.23 7.50
C ILE A 17 15.00 37.20 7.12
N GLU A 18 15.83 37.93 7.85
CA GLU A 18 17.25 37.94 7.56
C GLU A 18 17.97 37.09 8.63
N TYR A 19 18.56 35.98 8.20
CA TYR A 19 19.26 35.05 9.10
C TYR A 19 20.77 35.00 8.84
N CYS A 20 21.57 34.81 9.89
CA CYS A 20 23.02 34.73 9.74
C CYS A 20 23.33 33.40 9.05
N THR A 21 23.90 33.50 7.86
CA THR A 21 24.25 32.35 7.06
C THR A 21 25.37 31.53 7.70
N GLN A 22 26.40 32.20 8.21
CA GLN A 22 27.54 31.51 8.84
C GLN A 22 27.12 30.72 10.09
N CYS A 23 26.15 31.23 10.81
CA CYS A 23 25.68 30.59 12.03
C CYS A 23 24.79 29.38 11.72
N ARG A 24 24.69 29.01 10.44
CA ARG A 24 23.85 27.87 10.04
C ARG A 24 22.41 28.05 10.55
N TRP A 25 21.85 29.25 10.37
CA TRP A 25 20.50 29.51 10.82
C TRP A 25 19.43 29.46 9.74
N LEU A 26 19.79 28.90 8.59
CA LEU A 26 18.85 28.77 7.50
C LEU A 26 17.68 27.91 7.93
N PRO A 27 17.95 26.73 8.50
CA PRO A 27 16.83 25.90 8.93
C PRO A 27 15.81 26.57 9.87
N ARG A 28 16.26 27.37 10.83
CA ARG A 28 15.30 28.00 11.73
C ARG A 28 14.59 29.16 11.05
N ALA A 29 15.25 29.75 10.07
CA ALA A 29 14.66 30.83 9.33
C ALA A 29 13.54 30.21 8.50
N ALA A 30 13.84 29.09 7.86
CA ALA A 30 12.90 28.38 7.02
C ALA A 30 11.68 27.94 7.83
N TRP A 31 11.93 27.48 9.05
CA TRP A 31 10.87 27.05 9.92
C TRP A 31 9.90 28.22 10.23
N LEU A 32 10.47 29.33 10.68
CA LEU A 32 9.68 30.52 10.99
C LEU A 32 8.88 30.98 9.76
N ALA A 33 9.48 30.86 8.58
CA ALA A 33 8.82 31.26 7.34
C ALA A 33 7.55 30.44 7.15
N GLN A 34 7.65 29.16 7.43
CA GLN A 34 6.53 28.27 7.30
C GLN A 34 5.46 28.59 8.35
N GLU A 35 5.89 28.89 9.57
CA GLU A 35 4.97 29.24 10.65
C GLU A 35 4.20 30.49 10.26
N LEU A 36 4.91 31.54 9.83
CA LEU A 36 4.26 32.79 9.44
C LEU A 36 3.40 32.67 8.19
N LEU A 37 3.89 31.93 7.20
CA LEU A 37 3.13 31.77 5.95
C LEU A 37 1.88 30.96 6.13
N THR A 38 1.89 30.05 7.09
CA THR A 38 0.73 29.22 7.31
C THR A 38 -0.32 30.00 8.11
N THR A 39 0.12 30.92 8.97
CA THR A 39 -0.80 31.72 9.75
C THR A 39 -1.30 32.96 9.01
N PHE A 40 -0.47 33.57 8.18
CA PHE A 40 -0.82 34.78 7.44
C PHE A 40 -0.79 34.65 5.92
N GLU A 41 -1.08 33.44 5.43
CA GLU A 41 -1.06 33.17 3.98
C GLU A 41 -2.01 34.05 3.21
N THR A 42 -3.13 34.40 3.84
CA THR A 42 -4.15 35.22 3.19
C THR A 42 -3.84 36.73 3.25
N GLU A 43 -2.90 37.13 4.11
CA GLU A 43 -2.57 38.54 4.23
C GLU A 43 -1.19 38.89 3.66
N LEU A 44 -0.40 37.88 3.36
CA LEU A 44 0.95 38.11 2.83
C LEU A 44 1.04 37.89 1.34
N THR A 45 1.67 38.85 0.67
CA THR A 45 1.88 38.78 -0.77
C THR A 45 3.07 37.84 -1.01
N GLU A 46 4.01 37.84 -0.06
CA GLU A 46 5.18 36.98 -0.12
C GLU A 46 6.05 37.14 1.11
N LEU A 47 6.86 36.13 1.37
CA LEU A 47 7.76 36.14 2.52
C LEU A 47 9.14 35.82 1.97
N ALA A 48 10.11 36.67 2.23
CA ALA A 48 11.45 36.45 1.71
C ALA A 48 12.51 36.11 2.76
N LEU A 49 13.46 35.28 2.35
CA LEU A 49 14.56 34.91 3.24
C LEU A 49 15.82 35.60 2.69
N LYS A 50 16.45 36.44 3.50
CA LYS A 50 17.67 37.14 3.07
C LYS A 50 18.89 36.69 3.87
N PRO A 51 19.85 36.04 3.20
CA PRO A 51 21.05 35.60 3.91
C PRO A 51 21.72 36.80 4.53
N GLY A 52 22.14 36.66 5.79
CA GLY A 52 22.77 37.77 6.49
C GLY A 52 24.21 37.53 6.92
N THR A 53 24.80 38.57 7.51
CA THR A 53 26.19 38.54 7.96
C THR A 53 26.45 37.65 9.16
N GLY A 54 26.70 38.29 10.31
CA GLY A 54 27.01 37.54 11.51
C GLY A 54 26.08 37.77 12.68
N GLY A 55 25.59 36.67 13.25
CA GLY A 55 24.69 36.72 14.39
C GLY A 55 23.36 37.39 14.12
N VAL A 56 23.15 37.81 12.88
CA VAL A 56 21.93 38.49 12.49
C VAL A 56 20.70 37.61 12.34
N PHE A 57 19.60 38.02 12.94
CA PHE A 57 18.36 37.28 12.79
C PHE A 57 17.24 38.27 13.05
N VAL A 58 16.77 38.89 11.99
CA VAL A 58 15.68 39.86 12.17
C VAL A 58 14.47 39.61 11.28
N VAL A 59 13.29 39.96 11.79
CA VAL A 59 12.06 39.79 11.04
C VAL A 59 11.54 41.18 10.74
N ARG A 60 11.21 41.44 9.49
CA ARG A 60 10.69 42.73 9.05
C ARG A 60 9.30 42.60 8.44
N VAL A 61 8.41 43.53 8.73
CA VAL A 61 7.08 43.50 8.12
C VAL A 61 6.94 44.87 7.43
N ASP A 62 6.79 44.85 6.11
CA ASP A 62 6.67 46.07 5.33
C ASP A 62 7.86 47.01 5.60
N ASP A 63 9.08 46.47 5.46
CA ASP A 63 10.31 47.22 5.66
C ASP A 63 10.56 47.63 7.11
N GLU A 64 9.57 47.43 7.98
CA GLU A 64 9.73 47.77 9.39
C GLU A 64 10.15 46.57 10.26
N VAL A 65 11.25 46.72 10.98
CA VAL A 65 11.74 45.65 11.82
C VAL A 65 10.80 45.39 13.00
N VAL A 66 10.32 44.16 13.11
CA VAL A 66 9.39 43.75 14.14
C VAL A 66 10.05 42.83 15.18
N TRP A 67 11.14 42.20 14.79
CA TRP A 67 11.84 41.33 15.72
C TRP A 67 13.32 41.29 15.43
N ASP A 68 14.12 41.52 16.47
CA ASP A 68 15.58 41.50 16.34
C ASP A 68 16.14 40.57 17.42
N ARG A 69 16.90 39.57 17.01
CA ARG A 69 17.48 38.60 17.93
C ARG A 69 18.23 39.20 19.11
N ARG A 70 19.25 40.00 18.83
CA ARG A 70 20.03 40.58 19.91
C ARG A 70 19.33 41.74 20.58
N GLU A 71 18.03 41.57 20.78
CA GLU A 71 17.22 42.58 21.42
C GLU A 71 16.04 41.88 22.09
N GLN A 72 15.53 40.83 21.46
CA GLN A 72 14.39 40.13 22.00
C GLN A 72 14.61 38.63 22.06
N GLY A 73 15.82 38.20 21.73
CA GLY A 73 16.13 36.78 21.76
C GLY A 73 15.54 35.95 20.65
N PHE A 74 15.52 34.64 20.88
CA PHE A 74 15.00 33.67 19.92
C PHE A 74 13.56 34.02 19.50
N PRO A 75 13.26 33.93 18.19
CA PRO A 75 11.91 34.24 17.71
C PRO A 75 10.85 33.20 18.05
N GLU A 76 10.37 33.19 19.30
CA GLU A 76 9.35 32.24 19.74
C GLU A 76 8.11 32.48 18.86
N PRO A 77 7.65 31.43 18.16
CA PRO A 77 6.48 31.50 17.27
C PRO A 77 5.33 32.38 17.70
N THR A 78 4.79 32.12 18.87
CA THR A 78 3.67 32.91 19.35
C THR A 78 3.99 34.41 19.44
N ALA A 79 5.01 34.73 20.22
CA ALA A 79 5.45 36.11 20.42
C ALA A 79 5.57 36.86 19.11
N VAL A 80 6.35 36.29 18.17
CA VAL A 80 6.56 36.91 16.88
C VAL A 80 5.30 36.92 16.01
N LYS A 81 4.43 35.92 16.15
CA LYS A 81 3.22 35.92 15.34
C LYS A 81 2.28 37.03 15.77
N ARG A 82 2.31 37.36 17.05
CA ARG A 82 1.46 38.39 17.60
C ARG A 82 1.92 39.77 17.12
N LEU A 83 3.24 39.98 17.08
CA LEU A 83 3.80 41.24 16.62
C LEU A 83 3.56 41.41 15.12
N VAL A 84 3.53 40.30 14.39
CA VAL A 84 3.30 40.35 12.95
C VAL A 84 1.83 40.62 12.66
N ARG A 85 0.94 40.07 13.48
CA ARG A 85 -0.49 40.28 13.31
C ARG A 85 -0.88 41.74 13.57
N ASP A 86 -0.37 42.34 14.63
CA ASP A 86 -0.69 43.74 14.92
C ASP A 86 -0.46 44.58 13.68
N ARG A 87 0.59 44.29 12.91
CA ARG A 87 0.89 45.05 11.70
C ARG A 87 -0.04 44.67 10.56
N VAL A 88 -0.86 43.64 10.76
CA VAL A 88 -1.83 43.25 9.73
C VAL A 88 -3.14 42.84 10.44
N ALA A 89 -3.53 43.69 11.40
CA ALA A 89 -4.71 43.56 12.23
C ALA A 89 -5.79 42.74 11.55
N HIS B 13 21.35 38.20 -6.82
CA HIS B 13 20.45 37.22 -7.49
C HIS B 13 19.25 36.88 -6.61
N ARG B 14 18.06 37.17 -7.14
CA ARG B 14 16.81 36.95 -6.45
C ARG B 14 16.07 35.78 -7.08
N VAL B 15 15.68 34.83 -6.24
CA VAL B 15 14.93 33.63 -6.65
C VAL B 15 13.56 33.71 -6.00
N GLN B 16 12.54 33.21 -6.67
CA GLN B 16 11.21 33.25 -6.11
C GLN B 16 10.52 31.91 -6.36
N ILE B 17 9.74 31.45 -5.38
CA ILE B 17 9.02 30.19 -5.51
C ILE B 17 7.57 30.46 -5.24
N GLU B 18 6.71 30.22 -6.22
CA GLU B 18 5.28 30.43 -6.03
C GLU B 18 4.63 29.05 -5.92
N TYR B 19 4.07 28.75 -4.76
CA TYR B 19 3.42 27.46 -4.46
C TYR B 19 1.91 27.59 -4.23
N CYS B 20 1.14 26.60 -4.67
CA CYS B 20 -0.31 26.63 -4.49
C CYS B 20 -0.61 26.47 -3.01
N THR B 21 -1.20 27.52 -2.44
CA THR B 21 -1.53 27.53 -1.03
C THR B 21 -2.62 26.51 -0.68
N GLN B 22 -3.67 26.44 -1.49
CA GLN B 22 -4.78 25.49 -1.26
C GLN B 22 -4.32 24.02 -1.29
N CYS B 23 -3.33 23.73 -2.12
CA CYS B 23 -2.81 22.38 -2.25
C CYS B 23 -1.91 21.98 -1.09
N ARG B 24 -1.79 22.84 -0.08
CA ARG B 24 -0.94 22.57 1.08
C ARG B 24 0.50 22.28 0.62
N TRP B 25 1.02 23.11 -0.29
CA TRP B 25 2.38 22.92 -0.79
C TRP B 25 3.43 23.83 -0.16
N LEU B 26 3.06 24.47 0.95
CA LEU B 26 3.98 25.35 1.66
C LEU B 26 5.19 24.57 2.12
N PRO B 27 4.95 23.42 2.79
CA PRO B 27 6.11 22.65 3.24
C PRO B 27 7.11 22.28 2.14
N ARG B 28 6.65 21.85 0.95
CA ARG B 28 7.61 21.49 -0.10
C ARG B 28 8.28 22.73 -0.70
N ALA B 29 7.58 23.85 -0.65
CA ALA B 29 8.13 25.10 -1.13
C ALA B 29 9.25 25.50 -0.17
N ALA B 30 8.97 25.39 1.11
CA ALA B 30 9.94 25.72 2.15
C ALA B 30 11.18 24.83 2.05
N TRP B 31 10.98 23.56 1.75
CA TRP B 31 12.07 22.62 1.62
C TRP B 31 12.98 23.05 0.47
N LEU B 32 12.39 23.30 -0.70
CA LEU B 32 13.14 23.71 -1.89
C LEU B 32 13.91 24.99 -1.60
N ALA B 33 13.30 25.90 -0.86
CA ALA B 33 13.94 27.16 -0.53
C ALA B 33 15.21 26.88 0.24
N GLN B 34 15.14 25.93 1.16
CA GLN B 34 16.29 25.58 1.96
C GLN B 34 17.36 24.93 1.07
N GLU B 35 16.93 24.04 0.18
CA GLU B 35 17.86 23.39 -0.74
C GLU B 35 18.61 24.46 -1.57
N LEU B 36 17.86 25.36 -2.20
CA LEU B 36 18.47 26.39 -3.03
C LEU B 36 19.30 27.40 -2.23
N LEU B 37 18.82 27.81 -1.07
CA LEU B 37 19.55 28.77 -0.28
C LEU B 37 20.85 28.21 0.27
N THR B 38 20.88 26.92 0.50
CA THR B 38 22.07 26.30 1.03
C THR B 38 23.11 26.09 -0.08
N THR B 39 22.64 25.87 -1.30
CA THR B 39 23.57 25.68 -2.41
C THR B 39 24.03 26.99 -3.05
N PHE B 40 23.15 28.00 -3.08
CA PHE B 40 23.46 29.29 -3.69
C PHE B 40 23.43 30.48 -2.72
N GLU B 41 23.75 30.24 -1.46
CA GLU B 41 23.72 31.28 -0.43
C GLU B 41 24.63 32.45 -0.75
N THR B 42 25.74 32.14 -1.41
CA THR B 42 26.71 33.16 -1.77
C THR B 42 26.36 33.93 -3.05
N GLU B 43 25.42 33.42 -3.83
CA GLU B 43 25.03 34.08 -5.07
C GLU B 43 23.63 34.68 -5.01
N LEU B 44 22.87 34.39 -3.97
CA LEU B 44 21.52 34.92 -3.87
C LEU B 44 21.41 36.04 -2.86
N THR B 45 20.74 37.11 -3.27
CA THR B 45 20.52 38.26 -2.41
C THR B 45 19.37 37.91 -1.49
N GLU B 46 18.43 37.10 -2.00
CA GLU B 46 17.29 36.63 -1.22
C GLU B 46 16.43 35.67 -2.02
N LEU B 47 15.64 34.87 -1.33
CA LEU B 47 14.76 33.91 -1.95
C LEU B 47 13.39 34.15 -1.36
N ALA B 48 12.40 34.36 -2.22
CA ALA B 48 11.06 34.62 -1.69
C ALA B 48 10.05 33.53 -1.97
N LEU B 49 9.07 33.40 -1.08
CA LEU B 49 8.01 32.41 -1.24
C LEU B 49 6.74 33.19 -1.45
N LYS B 50 6.10 32.99 -2.60
CA LYS B 50 4.86 33.70 -2.91
C LYS B 50 3.68 32.75 -2.95
N PRO B 51 2.69 32.93 -2.05
CA PRO B 51 1.51 32.05 -2.04
C PRO B 51 0.82 32.18 -3.38
N GLY B 52 0.42 31.05 -3.95
CA GLY B 52 -0.23 31.06 -5.24
C GLY B 52 -1.64 30.52 -5.25
N THR B 53 -2.27 30.57 -6.43
CA THR B 53 -3.65 30.12 -6.63
C THR B 53 -3.86 28.62 -6.55
N GLY B 54 -4.12 28.01 -7.71
CA GLY B 54 -4.39 26.58 -7.74
C GLY B 54 -3.45 25.75 -8.59
N GLY B 55 -2.91 24.70 -7.99
CA GLY B 55 -2.00 23.81 -8.68
C GLY B 55 -0.70 24.46 -9.12
N VAL B 56 -0.52 25.73 -8.76
CA VAL B 56 0.68 26.46 -9.16
C VAL B 56 1.95 26.14 -8.38
N PHE B 57 3.03 25.85 -9.09
CA PHE B 57 4.30 25.62 -8.42
C PHE B 57 5.40 25.97 -9.40
N VAL B 58 5.86 27.22 -9.36
CA VAL B 58 6.91 27.64 -10.29
C VAL B 58 8.09 28.30 -9.60
N VAL B 59 9.27 28.10 -10.16
CA VAL B 59 10.49 28.68 -9.61
C VAL B 59 10.96 29.73 -10.61
N ARG B 60 11.27 30.92 -10.12
CA ARG B 60 11.74 32.02 -10.97
C ARG B 60 13.12 32.50 -10.53
N VAL B 61 13.98 32.82 -11.49
CA VAL B 61 15.31 33.34 -11.17
C VAL B 61 15.42 34.65 -11.93
N ASP B 62 15.51 35.75 -11.19
CA ASP B 62 15.59 37.07 -11.79
C ASP B 62 14.39 37.34 -12.70
N ASP B 63 13.20 37.10 -12.16
CA ASP B 63 11.94 37.31 -12.88
C ASP B 63 11.70 36.33 -14.01
N GLU B 64 12.70 35.52 -14.33
CA GLU B 64 12.55 34.53 -15.40
C GLU B 64 12.18 33.14 -14.88
N VAL B 65 11.07 32.59 -15.38
CA VAL B 65 10.64 31.27 -14.94
C VAL B 65 11.63 30.19 -15.39
N VAL B 66 12.12 29.42 -14.43
CA VAL B 66 13.08 28.36 -14.68
C VAL B 66 12.48 26.98 -14.49
N TRP B 67 11.40 26.90 -13.73
CA TRP B 67 10.74 25.62 -13.52
C TRP B 67 9.26 25.81 -13.30
N ASP B 68 8.47 25.03 -14.03
CA ASP B 68 7.01 25.09 -13.91
C ASP B 68 6.50 23.65 -13.74
N ARG B 69 5.76 23.42 -12.66
CA ARG B 69 5.23 22.10 -12.34
C ARG B 69 4.49 21.43 -13.49
N ARG B 70 3.42 22.06 -13.97
CA ARG B 70 2.63 21.45 -15.04
C ARG B 70 3.31 21.54 -16.38
N GLU B 71 4.62 21.35 -16.37
CA GLU B 71 5.40 21.39 -17.58
C GLU B 71 6.62 20.50 -17.40
N GLN B 72 7.14 20.46 -16.18
CA GLN B 72 8.32 19.66 -15.90
C GLN B 72 8.14 18.81 -14.66
N GLY B 73 6.93 18.82 -14.11
CA GLY B 73 6.65 18.01 -12.95
C GLY B 73 7.28 18.47 -11.65
N PHE B 74 7.32 17.55 -10.68
CA PHE B 74 7.87 17.80 -9.35
C PHE B 74 9.30 18.38 -9.43
N PRO B 75 9.57 19.41 -8.63
CA PRO B 75 10.90 20.03 -8.64
C PRO B 75 12.02 19.22 -7.99
N GLU B 76 12.48 18.17 -8.67
CA GLU B 76 13.56 17.32 -8.16
C GLU B 76 14.77 18.24 -7.89
N PRO B 77 15.27 18.25 -6.64
CA PRO B 77 16.41 19.08 -6.23
C PRO B 77 17.55 19.24 -7.22
N THR B 78 18.14 18.14 -7.65
CA THR B 78 19.23 18.21 -8.61
C THR B 78 18.85 18.95 -9.88
N ALA B 79 17.85 18.44 -10.59
CA ALA B 79 17.36 19.03 -11.83
C ALA B 79 17.18 20.53 -11.72
N VAL B 80 16.43 20.97 -10.71
CA VAL B 80 16.16 22.38 -10.52
C VAL B 80 17.39 23.14 -10.08
N LYS B 81 18.29 22.51 -9.33
CA LYS B 81 19.49 23.23 -8.90
C LYS B 81 20.40 23.50 -10.10
N ARG B 82 20.37 22.61 -11.08
CA ARG B 82 21.20 22.75 -12.26
C ARG B 82 20.71 23.89 -13.13
N LEU B 83 19.39 24.00 -13.27
CA LEU B 83 18.78 25.06 -14.05
C LEU B 83 18.98 26.41 -13.38
N VAL B 84 19.02 26.42 -12.05
CA VAL B 84 19.25 27.64 -11.30
C VAL B 84 20.72 28.06 -11.39
N ARG B 85 21.62 27.08 -11.43
CA ARG B 85 23.05 27.40 -11.52
C ARG B 85 23.30 28.02 -12.90
N ASP B 86 22.56 27.50 -13.87
CA ASP B 86 22.61 27.95 -15.25
C ASP B 86 22.28 29.44 -15.38
N ARG B 87 21.36 29.95 -14.56
CA ARG B 87 20.98 31.36 -14.64
C ARG B 87 21.96 32.20 -13.82
N VAL B 88 22.11 31.82 -12.56
CA VAL B 88 23.00 32.49 -11.62
C VAL B 88 24.45 32.51 -12.13
N ALA B 89 25.20 31.44 -11.89
CA ALA B 89 26.59 31.39 -12.35
C ALA B 89 27.04 29.97 -12.71
N PRO B 90 27.08 29.63 -14.02
CA PRO B 90 27.48 28.30 -14.47
C PRO B 90 28.85 27.70 -14.03
N GLU B 91 28.83 27.08 -12.84
CA GLU B 91 29.98 26.41 -12.22
C GLU B 91 29.61 24.97 -11.98
N LYS B 92 30.40 24.29 -11.14
CA LYS B 92 30.16 22.89 -10.81
C LYS B 92 29.35 22.73 -9.53
N THR C 12 1.05 2.47 15.92
CA THR C 12 1.26 1.01 15.80
C THR C 12 2.23 0.62 14.66
N HIS C 13 2.42 1.53 13.70
CA HIS C 13 3.33 1.31 12.57
C HIS C 13 4.55 2.25 12.60
N ARG C 14 5.75 1.70 12.45
CA ARG C 14 7.01 2.48 12.46
C ARG C 14 7.60 2.81 11.09
N VAL C 15 8.11 4.02 10.90
CA VAL C 15 8.75 4.38 9.63
C VAL C 15 10.14 4.91 9.93
N GLN C 16 11.09 4.63 9.05
CA GLN C 16 12.44 5.10 9.26
C GLN C 16 13.00 5.63 7.95
N ILE C 17 13.78 6.72 8.03
CA ILE C 17 14.39 7.31 6.84
C ILE C 17 15.86 7.41 7.08
N GLU C 18 16.66 6.72 6.28
CA GLU C 18 18.11 6.81 6.45
C GLU C 18 18.67 7.67 5.30
N TYR C 19 19.23 8.82 5.65
CA TYR C 19 19.78 9.78 4.67
C TYR C 19 21.30 9.94 4.77
N CYS C 20 21.97 10.11 3.63
CA CYS C 20 23.42 10.29 3.66
C CYS C 20 23.74 11.63 4.29
N THR C 21 24.44 11.56 5.42
CA THR C 21 24.81 12.74 6.17
C THR C 21 25.82 13.62 5.40
N GLN C 22 26.83 12.99 4.82
CA GLN C 22 27.85 13.73 4.07
C GLN C 22 27.28 14.48 2.87
N CYS C 23 26.25 13.91 2.26
CA CYS C 23 25.62 14.52 1.09
C CYS C 23 24.72 15.71 1.49
N ARG C 24 24.71 16.07 2.77
CA ARG C 24 23.87 17.17 3.23
C ARG C 24 22.40 16.91 2.88
N TRP C 25 21.92 15.70 3.14
CA TRP C 25 20.54 15.35 2.80
C TRP C 25 19.58 15.36 3.99
N LEU C 26 20.03 15.96 5.08
CA LEU C 26 19.21 16.06 6.27
C LEU C 26 17.94 16.84 5.95
N PRO C 27 18.09 18.01 5.33
CA PRO C 27 16.90 18.79 5.02
C PRO C 27 15.83 18.04 4.20
N ARG C 28 16.22 17.30 3.17
CA ARG C 28 15.21 16.58 2.39
C ARG C 28 14.62 15.41 3.15
N ALA C 29 15.42 14.84 4.05
CA ALA C 29 14.96 13.74 4.89
C ALA C 29 13.91 14.31 5.84
N ALA C 30 14.23 15.47 6.42
CA ALA C 30 13.31 16.14 7.34
C ALA C 30 12.01 16.50 6.65
N TRP C 31 12.10 16.93 5.40
CA TRP C 31 10.93 17.30 4.64
C TRP C 31 10.03 16.11 4.43
N LEU C 32 10.61 14.99 3.99
CA LEU C 32 9.85 13.76 3.75
C LEU C 32 9.19 13.29 5.04
N ALA C 33 9.92 13.43 6.15
CA ALA C 33 9.38 13.03 7.44
C ALA C 33 8.10 13.78 7.74
N GLN C 34 8.12 15.08 7.45
CA GLN C 34 6.97 15.92 7.68
C GLN C 34 5.83 15.51 6.75
N GLU C 35 6.15 15.23 5.49
CA GLU C 35 5.14 14.81 4.51
C GLU C 35 4.47 13.53 4.99
N LEU C 36 5.27 12.53 5.35
CA LEU C 36 4.73 11.25 5.81
C LEU C 36 4.00 11.34 7.16
N LEU C 37 4.52 12.13 8.08
CA LEU C 37 3.90 12.24 9.40
C LEU C 37 2.60 12.99 9.35
N THR C 38 2.46 13.87 8.39
CA THR C 38 1.24 14.63 8.27
C THR C 38 0.17 13.79 7.59
N THR C 39 0.57 12.90 6.69
CA THR C 39 -0.38 12.04 6.01
C THR C 39 -0.75 10.79 6.81
N PHE C 40 0.21 10.24 7.55
CA PHE C 40 -0.02 9.02 8.32
C PHE C 40 0.15 9.18 9.84
N GLU C 41 -0.16 10.37 10.34
CA GLU C 41 -0.01 10.66 11.77
C GLU C 41 -0.82 9.73 12.65
N THR C 42 -1.99 9.33 12.15
CA THR C 42 -2.87 8.45 12.88
C THR C 42 -2.50 6.95 12.80
N GLU C 43 -1.63 6.59 11.87
CA GLU C 43 -1.24 5.20 11.72
C GLU C 43 0.21 4.94 12.13
N LEU C 44 0.98 6.01 12.35
CA LEU C 44 2.37 5.85 12.75
C LEU C 44 2.61 6.08 14.23
N THR C 45 3.35 5.16 14.84
CA THR C 45 3.70 5.26 16.25
C THR C 45 4.85 6.26 16.36
N GLU C 46 5.70 6.28 15.34
CA GLU C 46 6.82 7.21 15.26
C GLU C 46 7.57 7.06 13.95
N LEU C 47 8.30 8.12 13.59
CA LEU C 47 9.07 8.14 12.37
C LEU C 47 10.46 8.55 12.77
N ALA C 48 11.45 7.74 12.42
CA ALA C 48 12.83 8.05 12.81
C ALA C 48 13.75 8.44 11.65
N LEU C 49 14.71 9.32 11.95
CA LEU C 49 15.69 9.73 10.95
C LEU C 49 17.02 9.12 11.38
N LYS C 50 17.62 8.29 10.54
CA LYS C 50 18.90 7.67 10.84
C LYS C 50 20.01 8.18 9.94
N PRO C 51 21.01 8.86 10.50
CA PRO C 51 22.10 9.36 9.67
C PRO C 51 22.78 8.18 9.00
N GLY C 52 23.05 8.31 7.70
CA GLY C 52 23.68 7.25 6.95
C GLY C 52 25.05 7.56 6.37
N THR C 53 25.64 6.56 5.72
CA THR C 53 26.97 6.67 5.13
C THR C 53 27.06 7.55 3.89
N GLY C 54 27.23 6.92 2.73
CA GLY C 54 27.37 7.67 1.50
C GLY C 54 26.34 7.38 0.42
N GLY C 55 25.73 8.45 -0.08
CA GLY C 55 24.73 8.33 -1.12
C GLY C 55 23.48 7.57 -0.71
N VAL C 56 23.42 7.17 0.54
CA VAL C 56 22.28 6.42 1.04
C VAL C 56 21.01 7.24 1.31
N PHE C 57 19.89 6.77 0.81
CA PHE C 57 18.63 7.44 1.08
C PHE C 57 17.54 6.41 0.95
N VAL C 58 17.18 5.77 2.05
CA VAL C 58 16.14 4.76 1.97
C VAL C 58 15.03 4.95 2.98
N VAL C 59 13.83 4.53 2.61
CA VAL C 59 12.68 4.64 3.49
C VAL C 59 12.27 3.22 3.87
N ARG C 60 12.09 2.99 5.16
CA ARG C 60 11.68 1.68 5.67
C ARG C 60 10.36 1.75 6.41
N VAL C 61 9.50 0.75 6.22
CA VAL C 61 8.23 0.72 6.94
C VAL C 61 8.21 -0.64 7.65
N ASP C 62 8.22 -0.61 8.97
CA ASP C 62 8.24 -1.83 9.78
C ASP C 62 9.43 -2.71 9.42
N ASP C 63 10.63 -2.11 9.39
CA ASP C 63 11.87 -2.80 9.06
C ASP C 63 12.01 -3.21 7.60
N GLU C 64 10.94 -3.07 6.83
CA GLU C 64 10.97 -3.43 5.42
C GLU C 64 11.24 -2.24 4.52
N VAL C 65 12.28 -2.33 3.70
CA VAL C 65 12.61 -1.23 2.80
C VAL C 65 11.53 -1.04 1.72
N VAL C 66 10.98 0.17 1.66
CA VAL C 66 9.93 0.50 0.70
C VAL C 66 10.43 1.42 -0.40
N TRP C 67 11.52 2.14 -0.14
CA TRP C 67 12.07 3.03 -1.15
C TRP C 67 13.57 3.15 -1.01
N ASP C 68 14.27 2.95 -2.11
CA ASP C 68 15.72 3.07 -2.12
C ASP C 68 16.12 4.01 -3.26
N ARG C 69 16.88 5.05 -2.93
CA ARG C 69 17.30 6.03 -3.92
C ARG C 69 17.97 5.45 -5.18
N ARG C 70 19.07 4.72 -4.99
CA ARG C 70 19.77 4.17 -6.14
C ARG C 70 19.06 2.96 -6.74
N GLU C 71 17.74 3.05 -6.78
CA GLU C 71 16.92 1.99 -7.33
C GLU C 71 15.64 2.61 -7.88
N GLN C 72 15.16 3.66 -7.23
CA GLN C 72 13.93 4.30 -7.66
C GLN C 72 14.06 5.80 -7.74
N GLY C 73 15.28 6.29 -7.55
CA GLY C 73 15.50 7.73 -7.61
C GLY C 73 14.98 8.56 -6.45
N PHE C 74 14.84 9.85 -6.69
CA PHE C 74 14.38 10.81 -5.70
C PHE C 74 13.01 10.41 -5.13
N PRO C 75 12.85 10.49 -3.80
CA PRO C 75 11.58 10.13 -3.18
C PRO C 75 10.42 11.11 -3.42
N GLU C 76 9.86 11.10 -4.63
CA GLU C 76 8.73 11.96 -4.96
C GLU C 76 7.60 11.67 -3.95
N PRO C 77 7.15 12.70 -3.22
CA PRO C 77 6.09 12.58 -2.21
C PRO C 77 4.93 11.61 -2.51
N THR C 78 4.26 11.83 -3.63
CA THR C 78 3.14 10.98 -4.00
C THR C 78 3.51 9.50 -4.10
N ALA C 79 4.49 9.21 -4.97
CA ALA C 79 4.96 7.85 -5.18
C ALA C 79 5.27 7.15 -3.88
N VAL C 80 6.10 7.78 -3.05
CA VAL C 80 6.49 7.19 -1.77
C VAL C 80 5.32 7.11 -0.79
N LYS C 81 4.40 8.06 -0.85
CA LYS C 81 3.27 7.99 0.08
C LYS C 81 2.36 6.83 -0.26
N ARG C 82 2.30 6.50 -1.55
CA ARG C 82 1.45 5.40 -1.96
C ARG C 82 2.01 4.06 -1.52
N LEU C 83 3.33 3.92 -1.63
CA LEU C 83 3.99 2.68 -1.23
C LEU C 83 3.93 2.51 0.28
N VAL C 84 3.92 3.63 1.01
CA VAL C 84 3.83 3.60 2.47
C VAL C 84 2.40 3.25 2.90
N ARG C 85 1.41 3.74 2.16
CA ARG C 85 0.02 3.47 2.48
C ARG C 85 -0.28 1.98 2.29
N ASP C 86 0.31 1.37 1.26
CA ASP C 86 0.10 -0.05 1.00
C ASP C 86 0.67 -0.94 2.11
N ARG C 87 1.56 -0.40 2.95
CA ARG C 87 2.14 -1.18 4.04
C ARG C 87 1.23 -1.08 5.25
N VAL C 88 0.38 -0.08 5.26
CA VAL C 88 -0.55 0.11 6.37
C VAL C 88 -2.01 0.17 5.86
N THR D 12 25.30 6.00 18.35
CA THR D 12 24.90 5.11 19.49
C THR D 12 23.80 5.67 20.41
N HIS D 13 23.74 6.99 20.62
CA HIS D 13 22.67 7.57 21.47
C HIS D 13 21.41 7.84 20.64
N ARG D 14 20.27 7.76 21.29
CA ARG D 14 18.99 7.98 20.64
C ARG D 14 18.28 9.23 21.17
N VAL D 15 17.50 9.89 20.32
CA VAL D 15 16.74 11.08 20.74
C VAL D 15 15.32 10.95 20.24
N GLN D 16 14.36 11.39 21.04
CA GLN D 16 12.97 11.29 20.64
C GLN D 16 12.25 12.60 20.95
N ILE D 17 11.36 13.01 20.05
CA ILE D 17 10.60 14.23 20.25
C ILE D 17 9.13 13.89 20.12
N GLU D 18 8.37 14.09 21.19
CA GLU D 18 6.94 13.82 21.15
C GLU D 18 6.21 15.15 21.11
N TYR D 19 5.52 15.41 19.99
CA TYR D 19 4.78 16.66 19.76
C TYR D 19 3.28 16.45 19.71
N CYS D 20 2.50 17.42 20.20
CA CYS D 20 1.04 17.32 20.15
C CYS D 20 0.60 17.47 18.70
N THR D 21 -0.01 16.40 18.19
CA THR D 21 -0.46 16.37 16.82
C THR D 21 -1.63 17.35 16.58
N GLN D 22 -2.60 17.37 17.49
CA GLN D 22 -3.75 18.26 17.35
C GLN D 22 -3.35 19.74 17.34
N CYS D 23 -2.30 20.08 18.08
CA CYS D 23 -1.83 21.46 18.18
C CYS D 23 -1.07 21.88 16.90
N ARG D 24 -1.03 21.02 15.89
CA ARG D 24 -0.31 21.31 14.65
C ARG D 24 1.16 21.65 14.98
N TRP D 25 1.80 20.85 15.83
CA TRP D 25 3.19 21.13 16.20
C TRP D 25 4.21 20.26 15.47
N LEU D 26 3.76 19.61 14.40
CA LEU D 26 4.64 18.77 13.60
C LEU D 26 5.78 19.62 13.03
N PRO D 27 5.44 20.75 12.39
CA PRO D 27 6.51 21.58 11.84
C PRO D 27 7.60 22.00 12.82
N ARG D 28 7.25 22.40 14.04
CA ARG D 28 8.28 22.81 15.00
C ARG D 28 9.05 21.58 15.52
N ALA D 29 8.40 20.44 15.52
CA ALA D 29 9.05 19.23 15.98
C ALA D 29 10.08 18.89 14.91
N ALA D 30 9.65 18.98 13.64
CA ALA D 30 10.54 18.67 12.52
C ALA D 30 11.74 19.60 12.51
N TRP D 31 11.50 20.87 12.81
CA TRP D 31 12.56 21.86 12.85
C TRP D 31 13.61 21.51 13.90
N LEU D 32 13.15 21.22 15.12
CA LEU D 32 14.04 20.87 16.22
C LEU D 32 14.84 19.62 15.85
N ALA D 33 14.20 18.69 15.17
CA ALA D 33 14.84 17.44 14.78
C ALA D 33 16.03 17.76 13.90
N GLN D 34 15.83 18.67 12.97
CA GLN D 34 16.88 19.08 12.07
C GLN D 34 18.01 19.77 12.84
N GLU D 35 17.64 20.66 13.76
CA GLU D 35 18.62 21.37 14.58
C GLU D 35 19.47 20.36 15.35
N LEU D 36 18.83 19.41 16.04
CA LEU D 36 19.56 18.42 16.82
C LEU D 36 20.37 17.43 15.97
N LEU D 37 19.81 17.02 14.84
CA LEU D 37 20.50 16.06 13.98
C LEU D 37 21.69 16.67 13.28
N THR D 38 21.63 17.98 13.07
CA THR D 38 22.74 18.64 12.41
C THR D 38 23.87 18.87 13.42
N THR D 39 23.52 19.09 14.67
CA THR D 39 24.52 19.33 15.70
C THR D 39 25.09 18.04 16.29
N PHE D 40 24.27 16.99 16.38
CA PHE D 40 24.71 15.72 16.98
C PHE D 40 24.61 14.53 16.03
N GLU D 41 24.80 14.78 14.74
CA GLU D 41 24.73 13.72 13.74
C GLU D 41 25.71 12.60 13.99
N THR D 42 26.88 12.96 14.51
CA THR D 42 27.93 11.98 14.77
C THR D 42 27.75 11.21 16.08
N GLU D 43 26.86 11.68 16.95
CA GLU D 43 26.63 11.01 18.22
C GLU D 43 25.27 10.32 18.31
N LEU D 44 24.39 10.62 17.35
CA LEU D 44 23.05 10.02 17.39
C LEU D 44 22.90 8.88 16.39
N THR D 45 22.32 7.79 16.88
CA THR D 45 22.06 6.63 16.05
C THR D 45 20.80 6.92 15.23
N GLU D 46 19.90 7.69 15.82
CA GLU D 46 18.67 8.12 15.15
C GLU D 46 17.86 9.05 16.04
N LEU D 47 16.98 9.82 15.42
CA LEU D 47 16.13 10.74 16.13
C LEU D 47 14.71 10.43 15.69
N ALA D 48 13.82 10.18 16.63
CA ALA D 48 12.45 9.84 16.27
C ALA D 48 11.41 10.89 16.64
N LEU D 49 10.37 10.98 15.81
CA LEU D 49 9.28 11.92 16.08
C LEU D 49 8.06 11.07 16.45
N LYS D 50 7.53 11.27 17.66
CA LYS D 50 6.36 10.51 18.08
C LYS D 50 5.13 11.40 18.23
N PRO D 51 4.09 11.17 17.43
CA PRO D 51 2.87 11.99 17.54
C PRO D 51 2.31 11.84 18.94
N GLY D 52 1.94 12.96 19.56
CA GLY D 52 1.41 12.92 20.92
C GLY D 52 -0.02 13.41 21.06
N THR D 53 -0.52 13.34 22.29
CA THR D 53 -1.89 13.73 22.62
C THR D 53 -2.19 15.21 22.56
N GLY D 54 -2.36 15.83 23.72
CA GLY D 54 -2.68 17.24 23.77
C GLY D 54 -1.70 18.10 24.53
N GLY D 55 -1.27 19.17 23.88
CA GLY D 55 -0.33 20.11 24.49
C GLY D 55 1.04 19.52 24.81
N VAL D 56 1.23 18.26 24.45
CA VAL D 56 2.50 17.58 24.71
C VAL D 56 3.67 17.96 23.80
N PHE D 57 4.80 18.30 24.39
CA PHE D 57 5.99 18.58 23.60
C PHE D 57 7.18 18.28 24.46
N VAL D 58 7.70 17.06 24.36
CA VAL D 58 8.85 16.72 25.19
C VAL D 58 10.00 16.12 24.40
N VAL D 59 11.21 16.37 24.86
CA VAL D 59 12.37 15.82 24.19
C VAL D 59 12.99 14.79 25.14
N ARG D 60 13.31 13.62 24.63
CA ARG D 60 13.92 12.55 25.41
C ARG D 60 15.28 12.15 24.84
N VAL D 61 16.24 11.87 25.71
CA VAL D 61 17.55 11.41 25.25
C VAL D 61 17.78 10.10 26.01
N ASP D 62 17.87 9.00 25.27
CA ASP D 62 18.06 7.67 25.85
C ASP D 62 16.95 7.35 26.87
N ASP D 63 15.70 7.55 26.44
CA ASP D 63 14.53 7.29 27.27
C ASP D 63 14.34 8.28 28.41
N GLU D 64 15.35 9.11 28.65
CA GLU D 64 15.26 10.09 29.72
C GLU D 64 14.78 11.46 29.23
N VAL D 65 13.71 11.97 29.84
CA VAL D 65 13.17 13.26 29.42
C VAL D 65 14.14 14.38 29.79
N VAL D 66 14.52 15.17 28.79
CA VAL D 66 15.46 16.27 28.94
C VAL D 66 14.78 17.64 28.79
N TRP D 67 13.62 17.66 28.14
CA TRP D 67 12.90 18.91 28.00
C TRP D 67 11.42 18.67 27.92
N ASP D 68 10.66 19.40 28.75
CA ASP D 68 9.20 19.28 28.79
C ASP D 68 8.60 20.68 28.66
N ARG D 69 7.77 20.87 27.65
CA ARG D 69 7.15 22.17 27.40
C ARG D 69 6.48 22.81 28.62
N ARG D 70 5.51 22.12 29.21
CA ARG D 70 4.80 22.70 30.35
C ARG D 70 5.62 22.66 31.63
N GLU D 71 6.90 22.92 31.47
CA GLU D 71 7.82 22.92 32.60
C GLU D 71 8.95 23.87 32.29
N GLN D 72 9.36 23.91 31.02
CA GLN D 72 10.47 24.78 30.62
C GLN D 72 10.14 25.61 29.40
N GLY D 73 8.88 25.59 28.99
CA GLY D 73 8.45 26.37 27.86
C GLY D 73 8.97 25.91 26.51
N PHE D 74 8.87 26.81 25.54
CA PHE D 74 9.29 26.56 24.16
C PHE D 74 10.72 26.05 24.08
N PRO D 75 10.97 25.01 23.28
CA PRO D 75 12.32 24.46 23.16
C PRO D 75 13.32 25.32 22.40
N GLU D 76 13.82 26.39 23.03
CA GLU D 76 14.80 27.29 22.40
C GLU D 76 16.01 26.43 22.01
N PRO D 77 16.37 26.41 20.72
CA PRO D 77 17.50 25.63 20.19
C PRO D 77 18.74 25.51 21.08
N THR D 78 19.32 26.65 21.45
CA THR D 78 20.51 26.66 22.28
C THR D 78 20.31 25.91 23.61
N ALA D 79 19.34 26.35 24.39
CA ALA D 79 19.02 25.76 25.67
C ALA D 79 18.90 24.24 25.59
N VAL D 80 18.06 23.78 24.68
CA VAL D 80 17.85 22.35 24.50
C VAL D 80 19.07 21.64 23.94
N LYS D 81 19.85 22.30 23.11
CA LYS D 81 21.03 21.64 22.56
C LYS D 81 22.07 21.42 23.65
N ARG D 82 22.09 22.33 24.62
CA ARG D 82 23.05 22.23 25.71
C ARG D 82 22.70 21.07 26.65
N LEU D 83 21.41 20.90 26.92
CA LEU D 83 20.94 19.83 27.77
C LEU D 83 21.13 18.48 27.08
N VAL D 84 21.04 18.47 25.75
CA VAL D 84 21.22 17.25 24.98
C VAL D 84 22.70 16.88 24.93
N ARG D 85 23.57 17.88 24.85
CA ARG D 85 25.01 17.64 24.81
C ARG D 85 25.47 17.09 26.15
N ASP D 86 24.93 17.68 27.22
CA ASP D 86 25.22 17.29 28.61
C ASP D 86 25.16 15.79 28.85
N ARG D 87 24.33 15.10 28.08
CA ARG D 87 24.16 13.65 28.18
C ARG D 87 24.91 12.89 27.08
N VAL D 88 25.14 13.55 25.97
CA VAL D 88 25.85 12.92 24.87
C VAL D 88 27.36 13.19 24.99
N ALA D 89 27.85 14.21 24.31
CA ALA D 89 29.26 14.54 24.35
C ALA D 89 29.52 15.56 25.45
N PRO D 90 29.57 15.11 26.71
CA PRO D 90 29.81 16.02 27.83
C PRO D 90 30.96 16.99 27.67
N GLU D 91 32.08 16.52 27.15
CA GLU D 91 33.24 17.39 26.97
C GLU D 91 33.07 18.23 25.71
N LYS D 92 31.87 18.79 25.56
CA LYS D 92 31.48 19.62 24.43
C LYS D 92 32.11 19.09 23.15
N HIS E 11 9.49 -33.95 -4.11
CA HIS E 11 9.21 -32.95 -5.18
C HIS E 11 10.34 -32.92 -6.20
N THR E 12 9.98 -33.00 -7.48
CA THR E 12 10.96 -33.02 -8.58
C THR E 12 10.35 -32.80 -9.96
N HIS E 13 9.05 -33.04 -10.09
CA HIS E 13 8.37 -32.86 -11.37
C HIS E 13 7.61 -31.55 -11.32
N ARG E 14 7.57 -30.86 -12.45
CA ARG E 14 6.86 -29.58 -12.54
C ARG E 14 5.72 -29.74 -13.56
N VAL E 15 4.54 -29.25 -13.20
CA VAL E 15 3.35 -29.30 -14.07
C VAL E 15 2.96 -27.88 -14.46
N GLN E 16 2.50 -27.70 -15.67
CA GLN E 16 2.12 -26.38 -16.12
C GLN E 16 0.79 -26.45 -16.85
N ILE E 17 -0.08 -25.47 -16.63
CA ILE E 17 -1.37 -25.42 -17.29
C ILE E 17 -1.50 -24.11 -18.01
N GLU E 18 -1.61 -24.15 -19.34
CA GLU E 18 -1.77 -22.92 -20.09
C GLU E 18 -3.24 -22.80 -20.55
N TYR E 19 -3.92 -21.78 -20.04
CA TYR E 19 -5.34 -21.55 -20.34
C TYR E 19 -5.58 -20.25 -21.13
N CYS E 20 -6.54 -20.27 -22.06
CA CYS E 20 -6.86 -19.08 -22.83
C CYS E 20 -7.48 -18.05 -21.89
N THR E 21 -6.78 -16.92 -21.73
CA THR E 21 -7.22 -15.86 -20.86
C THR E 21 -8.50 -15.19 -21.39
N GLN E 22 -8.57 -14.93 -22.68
CA GLN E 22 -9.73 -14.28 -23.30
C GLN E 22 -11.01 -15.11 -23.16
N CYS E 23 -10.86 -16.43 -23.20
CA CYS E 23 -11.99 -17.33 -23.09
C CYS E 23 -12.49 -17.46 -21.64
N ARG E 24 -11.94 -16.66 -20.72
CA ARG E 24 -12.33 -16.70 -19.32
C ARG E 24 -12.17 -18.13 -18.77
N TRP E 25 -11.04 -18.77 -19.06
CA TRP E 25 -10.82 -20.13 -18.59
C TRP E 25 -9.93 -20.24 -17.37
N LEU E 26 -9.71 -19.11 -16.69
CA LEU E 26 -8.90 -19.10 -15.50
C LEU E 26 -9.53 -20.00 -14.45
N PRO E 27 -10.84 -19.80 -14.19
CA PRO E 27 -11.46 -20.66 -13.18
C PRO E 27 -11.30 -22.17 -13.40
N ARG E 28 -11.44 -22.67 -14.62
CA ARG E 28 -11.30 -24.11 -14.83
C ARG E 28 -9.85 -24.54 -14.74
N ALA E 29 -8.94 -23.62 -15.05
CA ALA E 29 -7.53 -23.90 -14.98
C ALA E 29 -7.21 -24.04 -13.50
N ALA E 30 -7.72 -23.11 -12.71
CA ALA E 30 -7.48 -23.12 -11.26
C ALA E 30 -8.03 -24.39 -10.62
N TRP E 31 -9.20 -24.82 -11.10
CA TRP E 31 -9.81 -26.02 -10.58
C TRP E 31 -8.91 -27.25 -10.83
N LEU E 32 -8.49 -27.40 -12.08
CA LEU E 32 -7.63 -28.52 -12.46
C LEU E 32 -6.33 -28.50 -11.63
N ALA E 33 -5.81 -27.30 -11.39
CA ALA E 33 -4.58 -27.15 -10.62
C ALA E 33 -4.78 -27.75 -9.23
N GLN E 34 -5.94 -27.47 -8.66
CA GLN E 34 -6.25 -27.96 -7.34
C GLN E 34 -6.40 -29.47 -7.38
N GLU E 35 -7.06 -29.99 -8.42
CA GLU E 35 -7.27 -31.44 -8.57
C GLU E 35 -5.90 -32.12 -8.65
N LEU E 36 -5.03 -31.62 -9.53
CA LEU E 36 -3.70 -32.22 -9.69
C LEU E 36 -2.79 -32.06 -8.47
N LEU E 37 -2.84 -30.88 -7.85
CA LEU E 37 -2.00 -30.64 -6.68
C LEU E 37 -2.42 -31.45 -5.47
N THR E 38 -3.70 -31.77 -5.39
CA THR E 38 -4.17 -32.52 -4.26
C THR E 38 -3.84 -34.01 -4.48
N THR E 39 -3.83 -34.46 -5.73
CA THR E 39 -3.52 -35.84 -6.01
C THR E 39 -2.01 -36.14 -6.09
N PHE E 40 -1.23 -35.16 -6.58
CA PHE E 40 0.22 -35.32 -6.74
C PHE E 40 1.07 -34.33 -5.94
N GLU E 41 0.55 -33.91 -4.79
CA GLU E 41 1.26 -32.95 -3.93
C GLU E 41 2.62 -33.43 -3.50
N THR E 42 2.74 -34.73 -3.30
CA THR E 42 3.99 -35.33 -2.87
C THR E 42 5.00 -35.56 -3.99
N GLU E 43 4.54 -35.51 -5.24
CA GLU E 43 5.43 -35.73 -6.38
C GLU E 43 5.72 -34.46 -7.18
N LEU E 44 4.97 -33.39 -6.93
CA LEU E 44 5.16 -32.16 -7.66
C LEU E 44 5.93 -31.10 -6.87
N THR E 45 6.91 -30.50 -7.52
CA THR E 45 7.71 -29.45 -6.91
C THR E 45 6.89 -28.16 -6.98
N GLU E 46 6.08 -28.04 -8.02
CA GLU E 46 5.19 -26.90 -8.19
C GLU E 46 4.33 -27.06 -9.44
N LEU E 47 3.22 -26.33 -9.46
CA LEU E 47 2.31 -26.37 -10.59
C LEU E 47 2.10 -24.92 -11.01
N ALA E 48 2.32 -24.61 -12.27
CA ALA E 48 2.18 -23.25 -12.73
C ALA E 48 1.02 -23.00 -13.70
N LEU E 49 0.42 -21.82 -13.59
CA LEU E 49 -0.66 -21.42 -14.48
C LEU E 49 -0.09 -20.35 -15.41
N LYS E 50 -0.13 -20.59 -16.72
CA LYS E 50 0.37 -19.63 -17.68
C LYS E 50 -0.74 -19.10 -18.56
N PRO E 51 -1.03 -17.79 -18.47
CA PRO E 51 -2.08 -17.21 -19.30
C PRO E 51 -1.75 -17.45 -20.76
N GLY E 52 -2.74 -17.86 -21.55
CA GLY E 52 -2.51 -18.14 -22.95
C GLY E 52 -3.28 -17.27 -23.93
N THR E 53 -3.03 -17.49 -25.22
CA THR E 53 -3.66 -16.72 -26.29
C THR E 53 -5.14 -17.02 -26.49
N GLY E 54 -5.44 -17.70 -27.58
CA GLY E 54 -6.83 -18.00 -27.90
C GLY E 54 -7.19 -19.47 -28.02
N GLY E 55 -8.23 -19.86 -27.29
CA GLY E 55 -8.69 -21.23 -27.33
C GLY E 55 -7.71 -22.24 -26.78
N VAL E 56 -6.58 -21.75 -26.29
CA VAL E 56 -5.55 -22.62 -25.77
C VAL E 56 -5.82 -23.18 -24.38
N PHE E 57 -5.64 -24.48 -24.22
CA PHE E 57 -5.79 -25.10 -22.92
C PHE E 57 -4.96 -26.35 -22.95
N VAL E 58 -3.72 -26.26 -22.51
CA VAL E 58 -2.87 -27.45 -22.51
C VAL E 58 -2.21 -27.72 -21.18
N VAL E 59 -2.00 -29.01 -20.89
CA VAL E 59 -1.36 -29.42 -19.66
C VAL E 59 -0.01 -30.00 -20.02
N ARG E 60 1.05 -29.54 -19.37
CA ARG E 60 2.40 -30.02 -19.60
C ARG E 60 3.01 -30.64 -18.34
N VAL E 61 3.73 -31.75 -18.49
CA VAL E 61 4.41 -32.38 -17.36
C VAL E 61 5.89 -32.45 -17.77
N ASP E 62 6.73 -31.73 -17.02
CA ASP E 62 8.17 -31.69 -17.31
C ASP E 62 8.42 -31.23 -18.75
N ASP E 63 7.79 -30.11 -19.13
CA ASP E 63 7.93 -29.53 -20.46
C ASP E 63 7.26 -30.33 -21.57
N GLU E 64 6.80 -31.54 -21.24
CA GLU E 64 6.14 -32.37 -22.23
C GLU E 64 4.62 -32.25 -22.18
N VAL E 65 4.02 -31.92 -23.31
CA VAL E 65 2.57 -31.77 -23.37
C VAL E 65 1.86 -33.11 -23.19
N VAL E 66 1.00 -33.18 -22.19
CA VAL E 66 0.27 -34.39 -21.86
C VAL E 66 -1.21 -34.28 -22.23
N TRP E 67 -1.71 -33.06 -22.33
CA TRP E 67 -3.10 -32.87 -22.70
C TRP E 67 -3.29 -31.58 -23.45
N ASP E 68 -3.96 -31.67 -24.60
CA ASP E 68 -4.24 -30.52 -25.45
C ASP E 68 -5.74 -30.50 -25.76
N ARG E 69 -6.40 -29.41 -25.43
CA ARG E 69 -7.84 -29.27 -25.66
C ARG E 69 -8.32 -29.60 -27.06
N ARG E 70 -7.79 -28.89 -28.06
CA ARG E 70 -8.22 -29.14 -29.42
C ARG E 70 -7.63 -30.41 -30.01
N GLU E 71 -7.55 -31.43 -29.17
CA GLU E 71 -7.02 -32.71 -29.58
C GLU E 71 -7.67 -33.80 -28.74
N GLN E 72 -7.95 -33.49 -27.49
CA GLN E 72 -8.55 -34.47 -26.60
C GLN E 72 -9.75 -33.91 -25.85
N GLY E 73 -10.14 -32.70 -26.19
CA GLY E 73 -11.29 -32.09 -25.54
C GLY E 73 -11.06 -31.61 -24.12
N PHE E 74 -12.17 -31.40 -23.42
CA PHE E 74 -12.16 -30.93 -22.05
C PHE E 74 -11.31 -31.83 -21.16
N PRO E 75 -10.50 -31.22 -20.27
CA PRO E 75 -9.65 -32.02 -19.38
C PRO E 75 -10.38 -32.72 -18.25
N GLU E 76 -11.07 -33.82 -18.54
CA GLU E 76 -11.79 -34.58 -17.53
C GLU E 76 -10.78 -35.03 -16.47
N PRO E 77 -11.00 -34.65 -15.19
CA PRO E 77 -10.12 -34.98 -14.08
C PRO E 77 -9.45 -36.35 -14.10
N THR E 78 -10.26 -37.40 -14.16
CA THR E 78 -9.72 -38.75 -14.17
C THR E 78 -8.74 -38.99 -15.32
N ALA E 79 -9.23 -38.80 -16.54
CA ALA E 79 -8.43 -38.99 -17.75
C ALA E 79 -7.08 -38.29 -17.65
N VAL E 80 -7.10 -37.00 -17.33
CA VAL E 80 -5.87 -36.22 -17.22
C VAL E 80 -5.01 -36.63 -16.02
N LYS E 81 -5.63 -37.07 -14.92
CA LYS E 81 -4.84 -37.47 -13.78
C LYS E 81 -4.08 -38.76 -14.06
N ARG E 82 -4.65 -39.61 -14.91
CA ARG E 82 -4.01 -40.86 -15.26
C ARG E 82 -2.81 -40.62 -16.15
N LEU E 83 -2.93 -39.70 -17.10
CA LEU E 83 -1.85 -39.35 -18.00
C LEU E 83 -0.72 -38.67 -17.24
N VAL E 84 -1.07 -37.92 -16.19
CA VAL E 84 -0.08 -37.23 -15.38
C VAL E 84 0.65 -38.22 -14.48
N ARG E 85 -0.08 -39.21 -13.98
CA ARG E 85 0.52 -40.23 -13.13
C ARG E 85 1.54 -41.09 -13.89
N ASP E 86 1.21 -41.52 -15.11
CA ASP E 86 2.14 -42.32 -15.88
C ASP E 86 3.53 -41.66 -15.91
N ARG E 87 3.60 -40.37 -15.59
CA ARG E 87 4.87 -39.66 -15.58
C ARG E 87 5.38 -39.53 -14.14
N VAL E 88 4.98 -40.48 -13.30
CA VAL E 88 5.39 -40.56 -11.90
C VAL E 88 5.23 -41.99 -11.34
N ALA E 89 6.15 -42.85 -11.78
CA ALA E 89 6.24 -44.26 -11.40
C ALA E 89 4.98 -45.06 -11.65
N HIS F 11 4.64 -7.14 -17.85
CA HIS F 11 4.02 -7.92 -18.95
C HIS F 11 4.49 -9.38 -18.94
N THR F 12 5.58 -9.68 -18.23
CA THR F 12 6.11 -11.05 -18.14
C THR F 12 6.64 -11.42 -16.75
N HIS F 13 6.06 -10.81 -15.72
CA HIS F 13 6.44 -11.07 -14.35
C HIS F 13 5.96 -12.43 -13.87
N ARG F 14 6.73 -13.02 -12.96
CA ARG F 14 6.41 -14.33 -12.40
C ARG F 14 6.07 -14.20 -10.93
N VAL F 15 4.94 -14.76 -10.53
CA VAL F 15 4.49 -14.74 -9.13
C VAL F 15 4.47 -16.18 -8.63
N GLN F 16 4.78 -16.37 -7.35
CA GLN F 16 4.78 -17.70 -6.80
C GLN F 16 4.11 -17.70 -5.43
N ILE F 17 3.34 -18.74 -5.15
CA ILE F 17 2.65 -18.86 -3.87
C ILE F 17 3.02 -20.19 -3.25
N GLU F 18 3.69 -20.15 -2.10
CA GLU F 18 4.07 -21.38 -1.42
C GLU F 18 3.13 -21.54 -0.21
N TYR F 19 2.31 -22.59 -0.24
CA TYR F 19 1.33 -22.89 0.81
C TYR F 19 1.64 -24.18 1.57
N CYS F 20 1.37 -24.21 2.87
CA CYS F 20 1.62 -25.41 3.67
C CYS F 20 0.65 -26.48 3.23
N THR F 21 1.19 -27.56 2.70
CA THR F 21 0.39 -28.68 2.21
C THR F 21 -0.33 -29.41 3.35
N GLN F 22 0.38 -29.68 4.45
CA GLN F 22 -0.21 -30.38 5.60
C GLN F 22 -1.39 -29.61 6.22
N CYS F 23 -1.31 -28.29 6.19
CA CYS F 23 -2.34 -27.44 6.76
C CYS F 23 -3.58 -27.37 5.87
N ARG F 24 -3.61 -28.15 4.79
CA ARG F 24 -4.74 -28.14 3.84
C ARG F 24 -5.01 -26.71 3.35
N TRP F 25 -3.95 -26.00 2.95
CA TRP F 25 -4.10 -24.63 2.46
C TRP F 25 -4.08 -24.50 0.95
N LEU F 26 -4.20 -25.62 0.25
CA LEU F 26 -4.22 -25.62 -1.20
C LEU F 26 -5.39 -24.78 -1.71
N PRO F 27 -6.60 -25.03 -1.18
CA PRO F 27 -7.73 -24.23 -1.65
C PRO F 27 -7.56 -22.72 -1.51
N ARG F 28 -7.04 -22.23 -0.39
CA ARG F 28 -6.86 -20.76 -0.27
C ARG F 28 -5.73 -20.27 -1.15
N ALA F 29 -4.77 -21.12 -1.43
CA ALA F 29 -3.67 -20.77 -2.29
C ALA F 29 -4.23 -20.62 -3.70
N ALA F 30 -5.07 -21.58 -4.07
CA ALA F 30 -5.70 -21.59 -5.40
C ALA F 30 -6.59 -20.36 -5.59
N TRP F 31 -7.30 -19.99 -4.53
CA TRP F 31 -8.16 -18.83 -4.58
C TRP F 31 -7.35 -17.56 -4.86
N LEU F 32 -6.29 -17.35 -4.06
CA LEU F 32 -5.41 -16.19 -4.22
C LEU F 32 -4.82 -16.15 -5.63
N ALA F 33 -4.45 -17.31 -6.15
CA ALA F 33 -3.89 -17.39 -7.49
C ALA F 33 -4.90 -16.83 -8.50
N GLN F 34 -6.16 -17.19 -8.31
CA GLN F 34 -7.20 -16.72 -9.20
C GLN F 34 -7.37 -15.22 -9.03
N GLU F 35 -7.36 -14.74 -7.80
CA GLU F 35 -7.49 -13.30 -7.54
C GLU F 35 -6.37 -12.53 -8.25
N LEU F 36 -5.13 -12.95 -8.02
CA LEU F 36 -3.98 -12.29 -8.64
C LEU F 36 -3.92 -12.43 -10.16
N LEU F 37 -4.24 -13.61 -10.68
CA LEU F 37 -4.19 -13.81 -12.12
C LEU F 37 -5.26 -13.04 -12.85
N THR F 38 -6.37 -12.78 -12.19
CA THR F 38 -7.45 -12.07 -12.82
C THR F 38 -7.15 -10.56 -12.81
N THR F 39 -6.45 -10.10 -11.79
CA THR F 39 -6.12 -8.68 -11.71
C THR F 39 -4.85 -8.33 -12.49
N PHE F 40 -3.88 -9.24 -12.54
CA PHE F 40 -2.61 -9.00 -13.23
C PHE F 40 -2.33 -9.95 -14.40
N GLU F 41 -3.38 -10.40 -15.07
CA GLU F 41 -3.25 -11.33 -16.19
C GLU F 41 -2.40 -10.79 -17.31
N THR F 42 -2.47 -9.48 -17.50
CA THR F 42 -1.73 -8.83 -18.57
C THR F 42 -0.27 -8.52 -18.20
N GLU F 43 0.05 -8.59 -16.91
CA GLU F 43 1.41 -8.32 -16.47
C GLU F 43 2.18 -9.56 -16.00
N LEU F 44 1.48 -10.67 -15.83
CA LEU F 44 2.12 -11.89 -15.37
C LEU F 44 2.35 -12.89 -16.47
N THR F 45 3.56 -13.43 -16.52
CA THR F 45 3.93 -14.44 -17.51
C THR F 45 3.35 -15.76 -17.00
N GLU F 46 3.31 -15.92 -15.69
CA GLU F 46 2.74 -17.10 -15.05
C GLU F 46 2.74 -16.98 -13.54
N LEU F 47 1.89 -17.77 -12.90
CA LEU F 47 1.78 -17.78 -11.45
C LEU F 47 1.91 -19.23 -11.02
N ALA F 48 2.86 -19.51 -10.13
CA ALA F 48 3.05 -20.90 -9.71
C ALA F 48 2.65 -21.18 -8.27
N LEU F 49 2.24 -22.41 -8.01
CA LEU F 49 1.85 -22.83 -6.67
C LEU F 49 2.87 -23.86 -6.24
N LYS F 50 3.59 -23.58 -5.15
CA LYS F 50 4.60 -24.51 -4.67
C LYS F 50 4.21 -25.09 -3.32
N PRO F 51 4.01 -26.42 -3.26
CA PRO F 51 3.65 -27.06 -1.98
C PRO F 51 4.75 -26.80 -0.97
N GLY F 52 4.36 -26.41 0.23
CA GLY F 52 5.34 -26.11 1.27
C GLY F 52 5.27 -27.00 2.49
N THR F 53 6.20 -26.76 3.42
CA THR F 53 6.33 -27.54 4.65
C THR F 53 5.23 -27.33 5.67
N GLY F 54 5.57 -26.65 6.76
CA GLY F 54 4.59 -26.43 7.82
C GLY F 54 4.30 -24.99 8.16
N GLY F 55 3.01 -24.66 8.16
CA GLY F 55 2.57 -23.32 8.48
C GLY F 55 3.02 -22.26 7.49
N VAL F 56 3.69 -22.70 6.42
CA VAL F 56 4.18 -21.78 5.40
C VAL F 56 3.15 -21.22 4.42
N PHE F 57 3.13 -19.91 4.25
CA PHE F 57 2.24 -19.31 3.29
C PHE F 57 2.85 -18.00 2.86
N VAL F 58 3.63 -18.01 1.78
CA VAL F 58 4.27 -16.79 1.33
C VAL F 58 4.03 -16.53 -0.15
N VAL F 59 3.96 -15.24 -0.50
CA VAL F 59 3.76 -14.84 -1.88
C VAL F 59 5.04 -14.16 -2.34
N ARG F 60 5.55 -14.57 -3.50
CA ARG F 60 6.78 -14.01 -4.05
C ARG F 60 6.53 -13.38 -5.41
N VAL F 61 7.16 -12.24 -5.69
CA VAL F 61 7.03 -11.60 -6.99
C VAL F 61 8.46 -11.43 -7.50
N ASP F 62 8.78 -12.12 -8.59
CA ASP F 62 10.12 -12.06 -9.17
C ASP F 62 11.18 -12.47 -8.13
N ASP F 63 10.94 -13.60 -7.50
CA ASP F 63 11.85 -14.16 -6.50
C ASP F 63 11.89 -13.39 -5.19
N GLU F 64 11.25 -12.22 -5.18
CA GLU F 64 11.22 -11.41 -3.97
C GLU F 64 9.97 -11.61 -3.13
N VAL F 65 10.13 -11.98 -1.87
CA VAL F 65 8.98 -12.18 -0.99
C VAL F 65 8.23 -10.89 -0.73
N VAL F 66 6.94 -10.90 -1.03
CA VAL F 66 6.07 -9.75 -0.87
C VAL F 66 5.08 -9.92 0.25
N TRP F 67 4.81 -11.17 0.62
CA TRP F 67 3.89 -11.42 1.71
C TRP F 67 4.24 -12.70 2.43
N ASP F 68 4.33 -12.62 3.74
CA ASP F 68 4.64 -13.79 4.56
C ASP F 68 3.59 -13.88 5.67
N ARG F 69 2.92 -15.03 5.75
CA ARG F 69 1.88 -15.25 6.74
C ARG F 69 2.27 -14.91 8.18
N ARG F 70 3.29 -15.60 8.70
CA ARG F 70 3.72 -15.36 10.07
C ARG F 70 4.47 -14.06 10.24
N GLU F 71 4.00 -13.03 9.55
CA GLU F 71 4.60 -11.72 9.61
C GLU F 71 3.53 -10.70 9.31
N GLN F 72 2.62 -11.04 8.41
CA GLN F 72 1.56 -10.11 8.03
C GLN F 72 0.19 -10.77 8.07
N GLY F 73 0.15 -11.99 8.57
CA GLY F 73 -1.12 -12.67 8.68
C GLY F 73 -1.75 -13.12 7.37
N PHE F 74 -3.04 -13.43 7.44
CA PHE F 74 -3.82 -13.90 6.29
C PHE F 74 -3.69 -12.96 5.09
N PRO F 75 -3.49 -13.54 3.90
CA PRO F 75 -3.34 -12.72 2.69
C PRO F 75 -4.62 -12.07 2.19
N GLU F 76 -5.07 -11.01 2.86
CA GLU F 76 -6.29 -10.29 2.45
C GLU F 76 -6.08 -9.81 1.01
N PRO F 77 -6.96 -10.21 0.09
CA PRO F 77 -6.89 -9.84 -1.33
C PRO F 77 -6.40 -8.44 -1.68
N THR F 78 -7.08 -7.43 -1.14
CA THR F 78 -6.70 -6.06 -1.41
C THR F 78 -5.25 -5.74 -1.02
N ALA F 79 -4.95 -5.94 0.26
CA ALA F 79 -3.62 -5.70 0.79
C ALA F 79 -2.54 -6.32 -0.06
N VAL F 80 -2.67 -7.62 -0.35
CA VAL F 80 -1.68 -8.32 -1.13
C VAL F 80 -1.69 -7.89 -2.59
N LYS F 81 -2.84 -7.50 -3.12
CA LYS F 81 -2.87 -7.07 -4.52
C LYS F 81 -2.14 -5.75 -4.69
N ARG F 82 -2.17 -4.94 -3.64
CA ARG F 82 -1.53 -3.62 -3.69
C ARG F 82 -0.01 -3.77 -3.64
N LEU F 83 0.47 -4.72 -2.82
CA LEU F 83 1.89 -4.97 -2.71
C LEU F 83 2.42 -5.62 -3.99
N VAL F 84 1.57 -6.39 -4.66
CA VAL F 84 1.96 -7.03 -5.91
C VAL F 84 2.00 -6.00 -7.04
N ARG F 85 1.08 -5.03 -7.00
CA ARG F 85 1.02 -4.00 -8.02
C ARG F 85 2.26 -3.12 -7.90
N ASP F 86 2.65 -2.89 -6.65
CA ASP F 86 3.82 -2.09 -6.29
C ASP F 86 5.12 -2.67 -6.87
N ARG F 87 5.13 -3.97 -7.21
CA ARG F 87 6.32 -4.62 -7.77
C ARG F 87 6.16 -4.89 -9.26
N VAL F 88 5.00 -4.50 -9.81
CA VAL F 88 4.67 -4.71 -11.21
C VAL F 88 3.92 -3.51 -11.81
N ALA F 89 4.05 -2.34 -11.19
CA ALA F 89 3.39 -1.11 -11.65
C ALA F 89 3.64 0.06 -10.68
N THR G 12 -29.59 -29.94 8.59
CA THR G 12 -30.84 -29.16 8.84
C THR G 12 -30.56 -27.64 8.89
N HIS G 13 -29.33 -27.25 8.58
CA HIS G 13 -28.93 -25.84 8.59
C HIS G 13 -28.54 -25.33 7.20
N ARG G 14 -29.03 -24.13 6.86
CA ARG G 14 -28.78 -23.47 5.57
C ARG G 14 -27.83 -22.27 5.64
N VAL G 15 -26.83 -22.21 4.75
CA VAL G 15 -25.92 -21.06 4.73
C VAL G 15 -26.04 -20.37 3.38
N GLN G 16 -25.93 -19.05 3.37
CA GLN G 16 -26.05 -18.32 2.13
C GLN G 16 -24.96 -17.26 2.09
N ILE G 17 -24.40 -17.02 0.90
CA ILE G 17 -23.35 -16.01 0.75
C ILE G 17 -23.77 -15.10 -0.36
N GLU G 18 -23.95 -13.83 -0.07
CA GLU G 18 -24.34 -12.87 -1.10
C GLU G 18 -23.12 -12.00 -1.41
N TYR G 19 -22.62 -12.11 -2.65
CA TYR G 19 -21.43 -11.38 -3.11
C TYR G 19 -21.73 -10.36 -4.21
N CYS G 20 -21.05 -9.22 -4.19
CA CYS G 20 -21.29 -8.21 -5.22
C CYS G 20 -20.77 -8.75 -6.55
N THR G 21 -21.68 -8.88 -7.50
CA THR G 21 -21.38 -9.40 -8.81
C THR G 21 -20.49 -8.44 -9.61
N GLN G 22 -20.82 -7.16 -9.57
CA GLN G 22 -20.05 -6.15 -10.31
C GLN G 22 -18.60 -6.04 -9.84
N CYS G 23 -18.39 -6.26 -8.54
CA CYS G 23 -17.07 -6.20 -7.96
C CYS G 23 -16.23 -7.44 -8.29
N ARG G 24 -16.76 -8.34 -9.14
CA ARG G 24 -16.05 -9.57 -9.51
C ARG G 24 -15.66 -10.36 -8.24
N TRP G 25 -16.59 -10.50 -7.32
CA TRP G 25 -16.31 -11.24 -6.08
C TRP G 25 -16.81 -12.68 -6.07
N LEU G 26 -17.17 -13.18 -7.25
CA LEU G 26 -17.65 -14.54 -7.36
C LEU G 26 -16.57 -15.50 -6.88
N PRO G 27 -15.35 -15.35 -7.40
CA PRO G 27 -14.29 -16.26 -6.96
C PRO G 27 -14.07 -16.34 -5.44
N ARG G 28 -14.10 -15.22 -4.74
CA ARG G 28 -13.88 -15.29 -3.30
C ARG G 28 -15.09 -15.86 -2.57
N ALA G 29 -16.26 -15.66 -3.17
CA ALA G 29 -17.49 -16.20 -2.62
C ALA G 29 -17.41 -17.72 -2.76
N ALA G 30 -16.99 -18.17 -3.94
CA ALA G 30 -16.86 -19.58 -4.23
C ALA G 30 -15.85 -20.22 -3.29
N TRP G 31 -14.77 -19.52 -3.01
CA TRP G 31 -13.75 -20.04 -2.14
C TRP G 31 -14.28 -20.24 -0.74
N LEU G 32 -14.96 -19.22 -0.21
CA LEU G 32 -15.54 -19.29 1.13
C LEU G 32 -16.55 -20.43 1.22
N ALA G 33 -17.32 -20.62 0.16
CA ALA G 33 -18.30 -21.69 0.12
C ALA G 33 -17.62 -23.03 0.31
N GLN G 34 -16.49 -23.20 -0.34
CA GLN G 34 -15.73 -24.42 -0.25
C GLN G 34 -15.19 -24.59 1.16
N GLU G 35 -14.67 -23.51 1.74
CA GLU G 35 -14.13 -23.55 3.10
C GLU G 35 -15.22 -23.97 4.07
N LEU G 36 -16.38 -23.32 4.00
CA LEU G 36 -17.48 -23.64 4.91
C LEU G 36 -18.08 -25.04 4.67
N LEU G 37 -18.22 -25.43 3.41
CA LEU G 37 -18.82 -26.72 3.09
C LEU G 37 -17.91 -27.87 3.48
N THR G 38 -16.63 -27.62 3.49
CA THR G 38 -15.70 -28.68 3.84
C THR G 38 -15.65 -28.82 5.36
N THR G 39 -15.83 -27.72 6.08
CA THR G 39 -15.80 -27.78 7.54
C THR G 39 -17.15 -28.19 8.15
N PHE G 40 -18.25 -27.78 7.51
CA PHE G 40 -19.59 -28.06 8.03
C PHE G 40 -20.45 -28.91 7.11
N GLU G 41 -19.82 -29.77 6.32
CA GLU G 41 -20.55 -30.62 5.36
C GLU G 41 -21.60 -31.49 6.03
N THR G 42 -21.30 -31.94 7.25
CA THR G 42 -22.19 -32.80 7.99
C THR G 42 -23.33 -32.06 8.71
N GLU G 43 -23.23 -30.74 8.82
CA GLU G 43 -24.25 -29.96 9.50
C GLU G 43 -25.05 -29.07 8.54
N LEU G 44 -24.58 -28.94 7.31
CA LEU G 44 -25.29 -28.10 6.34
C LEU G 44 -26.10 -28.88 5.34
N THR G 45 -27.34 -28.46 5.14
CA THR G 45 -28.23 -29.10 4.19
C THR G 45 -27.84 -28.59 2.81
N GLU G 46 -27.37 -27.35 2.76
CA GLU G 46 -26.91 -26.73 1.52
C GLU G 46 -26.37 -25.33 1.77
N LEU G 47 -25.55 -24.86 0.83
CA LEU G 47 -24.95 -23.55 0.93
C LEU G 47 -25.23 -22.88 -0.41
N ALA G 48 -25.83 -21.70 -0.36
CA ALA G 48 -26.17 -21.02 -1.60
C ALA G 48 -25.37 -19.75 -1.86
N LEU G 49 -25.15 -19.46 -3.13
CA LEU G 49 -24.44 -18.24 -3.53
C LEU G 49 -25.48 -17.34 -4.20
N LYS G 50 -25.69 -16.14 -3.66
CA LYS G 50 -26.65 -15.21 -4.24
C LYS G 50 -25.97 -13.99 -4.81
N PRO G 51 -26.07 -13.77 -6.13
CA PRO G 51 -25.45 -12.60 -6.72
C PRO G 51 -26.04 -11.36 -6.09
N GLY G 52 -25.19 -10.40 -5.75
CA GLY G 52 -25.66 -9.17 -5.11
C GLY G 52 -25.39 -7.90 -5.88
N THR G 53 -25.86 -6.79 -5.33
CA THR G 53 -25.73 -5.47 -5.95
C THR G 53 -24.32 -4.89 -5.96
N GLY G 54 -24.10 -3.89 -5.10
CA GLY G 54 -22.80 -3.24 -5.06
C GLY G 54 -22.10 -3.25 -3.72
N GLY G 55 -20.84 -3.71 -3.74
CA GLY G 55 -20.03 -3.76 -2.54
C GLY G 55 -20.55 -4.74 -1.50
N VAL G 56 -21.63 -5.43 -1.81
CA VAL G 56 -22.22 -6.37 -0.88
C VAL G 56 -21.49 -7.71 -0.73
N PHE G 57 -21.25 -8.10 0.51
CA PHE G 57 -20.63 -9.39 0.77
C PHE G 57 -21.04 -9.84 2.15
N VAL G 58 -22.14 -10.58 2.24
CA VAL G 58 -22.59 -11.02 3.54
C VAL G 58 -22.82 -12.53 3.65
N VAL G 59 -22.60 -13.07 4.83
CA VAL G 59 -22.81 -14.48 5.06
C VAL G 59 -23.99 -14.63 6.02
N ARG G 60 -24.95 -15.47 5.65
CA ARG G 60 -26.13 -15.71 6.46
C ARG G 60 -26.22 -17.16 6.89
N VAL G 61 -26.65 -17.41 8.13
CA VAL G 61 -26.82 -18.78 8.61
C VAL G 61 -28.25 -18.85 9.11
N ASP G 62 -29.08 -19.65 8.43
CA ASP G 62 -30.50 -19.79 8.79
C ASP G 62 -31.22 -18.44 8.75
N ASP G 63 -31.01 -17.71 7.65
CA ASP G 63 -31.63 -16.40 7.44
C ASP G 63 -31.03 -15.28 8.31
N GLU G 64 -30.19 -15.65 9.27
CA GLU G 64 -29.58 -14.65 10.14
C GLU G 64 -28.20 -14.23 9.66
N VAL G 65 -27.99 -12.94 9.48
CA VAL G 65 -26.68 -12.46 9.02
C VAL G 65 -25.62 -12.66 10.11
N VAL G 66 -24.55 -13.36 9.74
CA VAL G 66 -23.47 -13.65 10.65
C VAL G 66 -22.20 -12.86 10.30
N TRP G 67 -22.10 -12.41 9.06
CA TRP G 67 -20.92 -11.63 8.66
C TRP G 67 -21.28 -10.65 7.58
N ASP G 68 -20.90 -9.40 7.79
CA ASP G 68 -21.16 -8.35 6.82
C ASP G 68 -19.84 -7.63 6.53
N ARG G 69 -19.46 -7.57 5.26
CA ARG G 69 -18.21 -6.92 4.87
C ARG G 69 -18.01 -5.52 5.40
N ARG G 70 -18.93 -4.61 5.08
CA ARG G 70 -18.79 -3.23 5.53
C ARG G 70 -19.13 -3.04 6.99
N GLU G 71 -18.71 -4.00 7.80
CA GLU G 71 -18.96 -3.98 9.21
C GLU G 71 -17.85 -4.77 9.91
N GLN G 72 -17.38 -5.82 9.26
CA GLN G 72 -16.34 -6.65 9.85
C GLN G 72 -15.21 -6.92 8.88
N GLY G 73 -15.26 -6.28 7.72
CA GLY G 73 -14.21 -6.47 6.72
C GLY G 73 -14.22 -7.81 6.00
N PHE G 74 -13.06 -8.13 5.40
CA PHE G 74 -12.87 -9.34 4.64
C PHE G 74 -13.21 -10.58 5.47
N PRO G 75 -13.92 -11.54 4.87
CA PRO G 75 -14.28 -12.75 5.61
C PRO G 75 -13.14 -13.74 5.84
N GLU G 76 -12.26 -13.43 6.79
CA GLU G 76 -11.15 -14.31 7.13
C GLU G 76 -11.72 -15.68 7.54
N PRO G 77 -11.32 -16.76 6.84
CA PRO G 77 -11.79 -18.12 7.09
C PRO G 77 -12.02 -18.52 8.55
N THR G 78 -11.00 -18.39 9.37
CA THR G 78 -11.13 -18.76 10.79
C THR G 78 -12.25 -18.00 11.50
N ALA G 79 -12.15 -16.67 11.49
CA ALA G 79 -13.13 -15.80 12.12
C ALA G 79 -14.55 -16.18 11.73
N VAL G 80 -14.79 -16.24 10.42
CA VAL G 80 -16.13 -16.57 9.93
C VAL G 80 -16.53 -18.00 10.23
N LYS G 81 -15.57 -18.93 10.27
CA LYS G 81 -15.93 -20.31 10.57
C LYS G 81 -16.36 -20.46 12.01
N ARG G 82 -15.78 -19.63 12.87
CA ARG G 82 -16.11 -19.69 14.29
C ARG G 82 -17.53 -19.16 14.53
N LEU G 83 -17.88 -18.08 13.85
CA LEU G 83 -19.21 -17.48 13.98
C LEU G 83 -20.27 -18.40 13.40
N VAL G 84 -19.90 -19.18 12.38
CA VAL G 84 -20.83 -20.11 11.75
C VAL G 84 -21.03 -21.34 12.64
N ARG G 85 -19.96 -21.76 13.32
CA ARG G 85 -20.02 -22.90 14.22
C ARG G 85 -20.93 -22.60 15.42
N ASP G 86 -20.89 -21.37 15.92
CA ASP G 86 -21.70 -20.99 17.06
C ASP G 86 -23.21 -21.09 16.79
N ARG G 87 -23.58 -21.26 15.52
CA ARG G 87 -24.99 -21.37 15.12
C ARG G 87 -25.34 -22.82 14.80
N VAL G 88 -24.37 -23.70 14.92
CA VAL G 88 -24.60 -25.12 14.66
C VAL G 88 -23.71 -26.00 15.57
N PRO H 10 -35.60 -11.36 -14.17
CA PRO H 10 -34.17 -11.60 -13.88
C PRO H 10 -34.04 -11.99 -12.41
N HIS H 11 -33.17 -12.95 -12.14
CA HIS H 11 -32.93 -13.41 -10.77
C HIS H 11 -34.15 -14.18 -10.22
N THR H 12 -34.75 -15.01 -11.06
CA THR H 12 -35.91 -15.77 -10.62
C THR H 12 -35.73 -17.26 -10.93
N HIS H 13 -34.52 -17.64 -11.30
CA HIS H 13 -34.26 -19.03 -11.59
C HIS H 13 -33.24 -19.51 -10.58
N ARG H 14 -33.47 -20.72 -10.09
CA ARG H 14 -32.60 -21.32 -9.10
C ARG H 14 -31.86 -22.51 -9.69
N VAL H 15 -30.62 -22.70 -9.27
CA VAL H 15 -29.83 -23.85 -9.74
C VAL H 15 -29.28 -24.56 -8.51
N GLN H 16 -29.23 -25.88 -8.58
CA GLN H 16 -28.71 -26.63 -7.44
C GLN H 16 -27.77 -27.71 -7.93
N ILE H 17 -26.69 -27.94 -7.19
CA ILE H 17 -25.70 -28.95 -7.55
C ILE H 17 -25.52 -29.87 -6.36
N GLU H 18 -25.87 -31.14 -6.52
CA GLU H 18 -25.71 -32.11 -5.45
C GLU H 18 -24.51 -32.99 -5.78
N TYR H 19 -23.46 -32.89 -4.97
CA TYR H 19 -22.20 -33.63 -5.16
C TYR H 19 -21.96 -34.67 -4.06
N CYS H 20 -21.36 -35.81 -4.41
CA CYS H 20 -21.05 -36.82 -3.40
C CYS H 20 -19.93 -36.29 -2.50
N THR H 21 -20.26 -36.14 -1.23
CA THR H 21 -19.32 -35.62 -0.26
C THR H 21 -18.16 -36.59 0.00
N GLN H 22 -18.47 -37.88 0.15
CA GLN H 22 -17.45 -38.90 0.40
C GLN H 22 -16.44 -39.01 -0.75
N CYS H 23 -16.91 -38.78 -1.97
CA CYS H 23 -16.05 -38.88 -3.15
C CYS H 23 -15.14 -37.65 -3.28
N ARG H 24 -15.16 -36.77 -2.28
CA ARG H 24 -14.34 -35.55 -2.32
C ARG H 24 -14.63 -34.76 -3.61
N TRP H 25 -15.90 -34.59 -3.94
CA TRP H 25 -16.27 -33.86 -5.15
C TRP H 25 -16.71 -32.42 -4.92
N LEU H 26 -16.42 -31.91 -3.73
CA LEU H 26 -16.75 -30.54 -3.38
C LEU H 26 -16.03 -29.59 -4.33
N PRO H 27 -14.72 -29.77 -4.51
CA PRO H 27 -14.02 -28.86 -5.41
C PRO H 27 -14.59 -28.76 -6.83
N ARG H 28 -14.95 -29.89 -7.44
CA ARG H 28 -15.51 -29.82 -8.81
C ARG H 28 -16.93 -29.24 -8.80
N ALA H 29 -17.62 -29.39 -7.68
CA ALA H 29 -18.96 -28.86 -7.56
C ALA H 29 -18.78 -27.36 -7.50
N ALA H 30 -17.82 -26.92 -6.68
CA ALA H 30 -17.55 -25.49 -6.51
C ALA H 30 -17.15 -24.85 -7.83
N TRP H 31 -16.33 -25.56 -8.59
CA TRP H 31 -15.89 -25.07 -9.89
C TRP H 31 -17.05 -24.84 -10.85
N LEU H 32 -17.93 -25.84 -10.97
CA LEU H 32 -19.10 -25.76 -11.84
C LEU H 32 -20.00 -24.61 -11.39
N ALA H 33 -20.12 -24.41 -10.08
CA ALA H 33 -20.94 -23.34 -9.54
C ALA H 33 -20.45 -22.01 -10.07
N GLN H 34 -19.13 -21.84 -10.05
CA GLN H 34 -18.52 -20.62 -10.53
C GLN H 34 -18.76 -20.48 -12.02
N GLU H 35 -18.59 -21.56 -12.78
CA GLU H 35 -18.81 -21.53 -14.22
C GLU H 35 -20.25 -21.08 -14.50
N LEU H 36 -21.22 -21.72 -13.86
CA LEU H 36 -22.62 -21.39 -14.09
C LEU H 36 -23.02 -20.00 -13.58
N LEU H 37 -22.48 -19.60 -12.43
CA LEU H 37 -22.82 -18.29 -11.87
C LEU H 37 -22.23 -17.16 -12.67
N THR H 38 -21.10 -17.42 -13.31
CA THR H 38 -20.47 -16.39 -14.10
C THR H 38 -21.20 -16.24 -15.44
N THR H 39 -21.73 -17.32 -15.97
CA THR H 39 -22.43 -17.28 -17.24
C THR H 39 -23.91 -16.87 -17.10
N PHE H 40 -24.54 -17.23 -15.98
CA PHE H 40 -25.96 -16.92 -15.76
C PHE H 40 -26.24 -16.07 -14.52
N GLU H 41 -25.30 -15.22 -14.17
CA GLU H 41 -25.43 -14.37 -12.99
C GLU H 41 -26.66 -13.48 -13.05
N THR H 42 -26.99 -13.04 -14.25
CA THR H 42 -28.12 -12.15 -14.44
C THR H 42 -29.49 -12.86 -14.48
N GLU H 43 -29.46 -14.19 -14.63
CA GLU H 43 -30.71 -14.95 -14.70
C GLU H 43 -30.94 -15.83 -13.46
N LEU H 44 -29.91 -15.98 -12.62
CA LEU H 44 -30.05 -16.82 -11.44
C LEU H 44 -30.24 -16.01 -10.17
N THR H 45 -31.22 -16.44 -9.37
CA THR H 45 -31.49 -15.79 -8.09
C THR H 45 -30.45 -16.30 -7.09
N GLU H 46 -30.03 -17.55 -7.28
CA GLU H 46 -29.01 -18.16 -6.45
C GLU H 46 -28.69 -19.56 -6.95
N LEU H 47 -27.51 -20.05 -6.56
CA LEU H 47 -27.07 -21.37 -6.93
C LEU H 47 -26.67 -22.07 -5.64
N ALA H 48 -27.23 -23.24 -5.38
CA ALA H 48 -26.92 -23.94 -4.13
C ALA H 48 -26.13 -25.21 -4.29
N LEU H 49 -25.31 -25.52 -3.29
CA LEU H 49 -24.51 -26.74 -3.31
C LEU H 49 -25.07 -27.62 -2.19
N LYS H 50 -25.55 -28.80 -2.55
CA LYS H 50 -26.09 -29.73 -1.55
C LYS H 50 -25.23 -30.98 -1.41
N PRO H 51 -24.65 -31.19 -0.22
CA PRO H 51 -23.82 -32.39 -0.03
C PRO H 51 -24.68 -33.63 -0.25
N GLY H 52 -24.14 -34.58 -1.00
CA GLY H 52 -24.88 -35.80 -1.31
C GLY H 52 -24.26 -37.07 -0.77
N THR H 53 -24.96 -38.18 -1.01
CA THR H 53 -24.56 -39.49 -0.53
C THR H 53 -23.34 -40.09 -1.22
N GLY H 54 -23.57 -41.11 -2.05
CA GLY H 54 -22.48 -41.76 -2.74
C GLY H 54 -22.55 -41.75 -4.25
N GLY H 55 -21.46 -41.32 -4.86
CA GLY H 55 -21.37 -41.27 -6.31
C GLY H 55 -22.32 -40.29 -6.97
N VAL H 56 -23.08 -39.57 -6.14
CA VAL H 56 -24.06 -38.60 -6.64
C VAL H 56 -23.48 -37.28 -7.16
N PHE H 57 -23.89 -36.90 -8.37
CA PHE H 57 -23.47 -35.62 -8.92
C PHE H 57 -24.52 -35.19 -9.90
N VAL H 58 -25.49 -34.39 -9.44
CA VAL H 58 -26.54 -33.96 -10.34
C VAL H 58 -26.78 -32.45 -10.33
N VAL H 59 -27.15 -31.90 -11.47
CA VAL H 59 -27.43 -30.48 -11.55
C VAL H 59 -28.93 -30.33 -11.77
N ARG H 60 -29.57 -29.46 -11.00
CA ARG H 60 -31.00 -29.20 -11.10
C ARG H 60 -31.27 -27.72 -11.42
N VAL H 61 -32.25 -27.47 -12.28
CA VAL H 61 -32.62 -26.10 -12.61
C VAL H 61 -34.12 -26.02 -12.32
N ASP H 62 -34.49 -25.21 -11.34
CA ASP H 62 -35.89 -25.05 -10.94
C ASP H 62 -36.49 -26.40 -10.54
N ASP H 63 -35.78 -27.13 -9.66
CA ASP H 63 -36.22 -28.43 -9.17
C ASP H 63 -36.15 -29.54 -10.21
N GLU H 64 -35.91 -29.19 -11.46
CA GLU H 64 -35.84 -30.18 -12.52
C GLU H 64 -34.40 -30.61 -12.82
N VAL H 65 -34.13 -31.91 -12.76
CA VAL H 65 -32.79 -32.41 -13.02
C VAL H 65 -32.42 -32.22 -14.48
N VAL H 66 -31.30 -31.55 -14.71
CA VAL H 66 -30.81 -31.25 -16.05
C VAL H 66 -29.55 -32.05 -16.38
N TRP H 67 -28.84 -32.50 -15.35
CA TRP H 67 -27.64 -33.30 -15.59
C TRP H 67 -27.42 -34.28 -14.48
N ASP H 68 -27.20 -35.55 -14.84
CA ASP H 68 -26.97 -36.62 -13.87
C ASP H 68 -25.71 -37.36 -14.29
N ARG H 69 -24.73 -37.44 -13.40
CA ARG H 69 -23.46 -38.09 -13.68
C ARG H 69 -23.58 -39.51 -14.24
N ARG H 70 -24.23 -40.41 -13.50
CA ARG H 70 -24.35 -41.78 -13.95
C ARG H 70 -25.38 -41.95 -15.05
N GLU H 71 -25.40 -40.98 -15.95
CA GLU H 71 -26.32 -41.00 -17.05
C GLU H 71 -25.70 -40.23 -18.21
N GLN H 72 -24.97 -39.17 -17.88
CA GLN H 72 -24.34 -38.33 -18.90
C GLN H 72 -22.88 -38.05 -18.61
N GLY H 73 -22.34 -38.74 -17.61
CA GLY H 73 -20.94 -38.57 -17.28
C GLY H 73 -20.56 -37.23 -16.66
N PHE H 74 -19.27 -36.96 -16.69
CA PHE H 74 -18.69 -35.74 -16.15
C PHE H 74 -19.38 -34.48 -16.70
N PRO H 75 -19.70 -33.52 -15.83
CA PRO H 75 -20.36 -32.30 -16.29
C PRO H 75 -19.49 -31.33 -17.07
N GLU H 76 -19.22 -31.64 -18.34
CA GLU H 76 -18.39 -30.78 -19.20
C GLU H 76 -19.07 -29.41 -19.26
N PRO H 77 -18.38 -28.35 -18.85
CA PRO H 77 -18.89 -26.98 -18.83
C PRO H 77 -19.81 -26.57 -19.96
N THR H 78 -19.34 -26.68 -21.20
CA THR H 78 -20.15 -26.32 -22.35
C THR H 78 -21.48 -27.07 -22.43
N ALA H 79 -21.41 -28.40 -22.45
CA ALA H 79 -22.58 -29.25 -22.50
C ALA H 79 -23.62 -28.86 -21.47
N VAL H 80 -23.19 -28.80 -20.21
CA VAL H 80 -24.10 -28.46 -19.12
C VAL H 80 -24.57 -27.00 -19.17
N LYS H 81 -23.75 -26.09 -19.68
CA LYS H 81 -24.19 -24.71 -19.76
C LYS H 81 -25.28 -24.54 -20.79
N ARG H 82 -25.22 -25.36 -21.84
CA ARG H 82 -26.21 -25.31 -22.91
C ARG H 82 -27.56 -25.82 -22.42
N LEU H 83 -27.55 -26.90 -21.64
CA LEU H 83 -28.77 -27.48 -21.10
C LEU H 83 -29.36 -26.53 -20.08
N VAL H 84 -28.51 -25.79 -19.37
CA VAL H 84 -28.99 -24.84 -18.37
C VAL H 84 -29.58 -23.62 -19.06
N ARG H 85 -28.99 -23.20 -20.18
CA ARG H 85 -29.50 -22.05 -20.91
C ARG H 85 -30.85 -22.38 -21.50
N ASP H 86 -30.96 -23.59 -22.04
CA ASP H 86 -32.21 -24.07 -22.63
C ASP H 86 -33.41 -23.85 -21.70
N ARG H 87 -33.21 -24.08 -20.39
CA ARG H 87 -34.26 -23.89 -19.38
C ARG H 87 -34.48 -22.40 -19.10
N VAL H 88 -33.44 -21.61 -19.30
CA VAL H 88 -33.51 -20.17 -19.06
C VAL H 88 -33.42 -19.33 -20.34
N ALA H 89 -32.28 -18.68 -20.55
CA ALA H 89 -32.10 -17.86 -21.73
C ALA H 89 -32.52 -18.61 -22.99
N PRO H 90 -33.57 -18.12 -23.68
CA PRO H 90 -34.08 -18.74 -24.91
C PRO H 90 -33.12 -18.69 -26.08
N GLU H 91 -32.79 -17.47 -26.53
CA GLU H 91 -31.90 -17.25 -27.68
C GLU H 91 -30.41 -17.12 -27.41
N LYS H 92 -30.03 -16.83 -26.17
CA LYS H 92 -28.61 -16.66 -25.78
C LYS H 92 -27.65 -17.68 -26.42
#